data_7UGB
#
_entry.id   7UGB
#
_cell.length_a   45.888
_cell.length_b   66.679
_cell.length_c   116.969
_cell.angle_alpha   90.000
_cell.angle_beta   90.000
_cell.angle_gamma   90.000
#
_symmetry.space_group_name_H-M   'P 21 21 21'
#
loop_
_entity.id
_entity.type
_entity.pdbx_description
1 polymer 'Mitogen-activated protein kinase 1'
2 polymer 'Interferon-stimulated gene 20 kDa protein'
3 non-polymer 'PHOSPHOAMINOPHOSPHONIC ACID-ADENYLATE ESTER'
4 water water
#
loop_
_entity_poly.entity_id
_entity_poly.type
_entity_poly.pdbx_seq_one_letter_code
_entity_poly.pdbx_strand_id
1 'polypeptide(L)'
;MGSSHHHHHHSSGLVPRGSHMASMAAAAAGPEMVRGQVFDVGPRYTNLSYIGEGAYGMVCSAYDNLNKVRVAIKKISPFE
HQTYCQRTLREIKILLRFRHENIIGINDIIRAPTIEQMKDVYIVQDLMETDLYKLLKTQHLSNDHICYFLYQILRGLKYI
HSANVLHRDLKPSNLLLNTTCDLKICDFGLARVADPDHDHTGFLTEYVATRWYRAPEIMLNSKGYTKSIDIWSVGCILAE
MLSNRPIFPGKHYLDQLNHILGILGSPSQEDLNCIINLKARNYLLSLPHKNKVPWNRLFPNADSKALDLLDKMLTFNPHK
RIEVEQALAHPYLEQYYDPSDEPIAEAPFKFDMELDDLPKEKLKELIFEETARFQPGYRS
;
A
2 'polypeptide(L)' (ACE)IRARRGLPRLAVSD I
#
# COMPACT_ATOMS: atom_id res chain seq x y z
N PRO A 31 -0.14 -33.45 -3.72
CA PRO A 31 -0.15 -31.98 -3.66
C PRO A 31 -1.56 -31.45 -3.36
N GLU A 32 -1.70 -30.60 -2.35
CA GLU A 32 -3.02 -30.15 -1.93
C GLU A 32 -3.57 -29.07 -2.86
N MET A 33 -4.89 -29.06 -3.03
CA MET A 33 -5.59 -28.10 -3.87
C MET A 33 -6.53 -27.24 -3.03
N VAL A 34 -6.61 -25.95 -3.35
CA VAL A 34 -7.48 -25.00 -2.67
C VAL A 34 -8.33 -24.29 -3.70
N ARG A 35 -9.66 -24.46 -3.62
CA ARG A 35 -10.59 -23.84 -4.56
C ARG A 35 -10.19 -24.12 -6.01
N GLY A 36 -9.84 -25.38 -6.28
CA GLY A 36 -9.54 -25.83 -7.63
C GLY A 36 -8.11 -25.60 -8.08
N GLN A 37 -7.40 -24.65 -7.50
CA GLN A 37 -6.02 -24.36 -7.87
C GLN A 37 -5.06 -25.20 -7.02
N VAL A 38 -3.98 -25.67 -7.66
CA VAL A 38 -2.97 -26.47 -6.98
C VAL A 38 -2.08 -25.58 -6.13
N PHE A 39 -1.63 -26.10 -4.97
CA PHE A 39 -0.69 -25.42 -4.08
C PHE A 39 0.41 -26.42 -3.69
N ASP A 40 1.45 -26.51 -4.52
CA ASP A 40 2.47 -27.52 -4.31
C ASP A 40 3.53 -26.96 -3.36
N VAL A 41 3.18 -26.96 -2.07
CA VAL A 41 4.00 -26.36 -1.03
C VAL A 41 4.49 -27.37 -0.01
N GLY A 42 4.09 -28.64 -0.12
CA GLY A 42 4.53 -29.66 0.80
C GLY A 42 5.93 -30.13 0.49
N PRO A 43 6.52 -30.88 1.44
CA PRO A 43 5.95 -31.29 2.72
C PRO A 43 6.10 -30.25 3.84
N ARG A 44 6.83 -29.15 3.61
CA ARG A 44 7.06 -28.20 4.69
C ARG A 44 5.76 -27.53 5.13
N TYR A 45 4.93 -27.10 4.19
CA TYR A 45 3.69 -26.40 4.50
C TYR A 45 2.49 -27.29 4.18
N THR A 46 1.56 -27.38 5.14
CA THR A 46 0.43 -28.31 5.08
C THR A 46 -0.81 -27.63 5.64
N ASN A 47 -1.94 -28.33 5.57
CA ASN A 47 -3.21 -27.90 6.18
C ASN A 47 -3.63 -26.51 5.67
N LEU A 48 -3.76 -26.42 4.36
CA LEU A 48 -4.07 -25.15 3.70
C LEU A 48 -5.49 -24.70 4.00
N SER A 49 -5.69 -23.38 3.94
CA SER A 49 -7.02 -22.79 4.10
C SER A 49 -7.09 -21.50 3.29
N TYR A 50 -8.14 -21.37 2.49
CA TYR A 50 -8.26 -20.23 1.60
C TYR A 50 -8.41 -18.93 2.39
N ILE A 51 -7.66 -17.91 1.98
CA ILE A 51 -7.76 -16.58 2.59
C ILE A 51 -8.48 -15.65 1.62
N GLY A 52 -7.86 -15.42 0.47
CA GLY A 52 -8.46 -14.54 -0.52
C GLY A 52 -7.56 -14.43 -1.73
N GLU A 53 -7.91 -13.51 -2.63
CA GLU A 53 -7.17 -13.30 -3.85
C GLU A 53 -7.17 -11.81 -4.18
N GLY A 54 -6.05 -11.32 -4.66
CA GLY A 54 -5.98 -10.03 -5.32
C GLY A 54 -6.21 -10.18 -6.80
N ALA A 55 -5.65 -9.25 -7.58
CA ALA A 55 -5.70 -9.34 -9.03
C ALA A 55 -4.52 -10.10 -9.62
N TYR A 56 -3.57 -10.56 -8.78
CA TYR A 56 -2.35 -11.17 -9.27
C TYR A 56 -1.90 -12.41 -8.51
N GLY A 57 -2.55 -12.76 -7.40
CA GLY A 57 -2.14 -13.94 -6.65
C GLY A 57 -3.25 -14.46 -5.78
N MET A 58 -3.22 -15.78 -5.52
CA MET A 58 -4.14 -16.43 -4.61
C MET A 58 -3.42 -16.71 -3.29
N VAL A 59 -4.04 -16.32 -2.19
CA VAL A 59 -3.42 -16.38 -0.86
C VAL A 59 -4.15 -17.40 -0.02
N CYS A 60 -3.39 -18.32 0.57
CA CYS A 60 -3.88 -19.27 1.55
C CYS A 60 -3.06 -19.16 2.83
N SER A 61 -3.61 -19.70 3.91
CA SER A 61 -2.85 -19.96 5.11
C SER A 61 -2.40 -21.43 5.11
N ALA A 62 -1.32 -21.69 5.82
CA ALA A 62 -0.76 -23.04 5.89
C ALA A 62 -0.01 -23.17 7.20
N TYR A 63 0.21 -24.42 7.60
CA TYR A 63 1.01 -24.72 8.78
C TYR A 63 2.45 -24.98 8.34
N ASP A 64 3.38 -24.22 8.91
CA ASP A 64 4.82 -24.37 8.65
C ASP A 64 5.34 -25.41 9.64
N ASN A 65 5.62 -26.62 9.15
CA ASN A 65 6.06 -27.71 10.02
C ASN A 65 7.49 -27.53 10.51
N LEU A 66 8.26 -26.59 9.96
CA LEU A 66 9.57 -26.28 10.51
C LEU A 66 9.46 -25.38 11.73
N ASN A 67 8.86 -24.20 11.55
CA ASN A 67 8.75 -23.23 12.63
C ASN A 67 7.53 -23.47 13.53
N LYS A 68 6.67 -24.43 13.18
CA LYS A 68 5.54 -24.84 14.02
C LYS A 68 4.58 -23.68 14.29
N VAL A 69 4.27 -22.89 13.25
CA VAL A 69 3.26 -21.84 13.31
C VAL A 69 2.56 -21.79 11.95
N ARG A 70 1.38 -21.17 11.92
CA ARG A 70 0.67 -20.94 10.67
C ARG A 70 1.17 -19.66 9.99
N VAL A 71 1.31 -19.73 8.66
CA VAL A 71 1.85 -18.67 7.82
C VAL A 71 0.87 -18.39 6.69
N ALA A 72 1.15 -17.34 5.91
CA ALA A 72 0.43 -17.05 4.68
C ALA A 72 1.30 -17.39 3.48
N ILE A 73 0.67 -17.89 2.41
CA ILE A 73 1.40 -18.25 1.20
C ILE A 73 0.65 -17.69 0.01
N LYS A 74 1.33 -16.90 -0.81
CA LYS A 74 0.76 -16.32 -2.01
C LYS A 74 1.32 -17.04 -3.23
N LYS A 75 0.42 -17.57 -4.06
CA LYS A 75 0.80 -18.23 -5.31
C LYS A 75 0.71 -17.24 -6.46
N ILE A 76 1.80 -17.12 -7.22
CA ILE A 76 1.86 -16.27 -8.41
C ILE A 76 2.27 -17.12 -9.60
N SER A 77 1.62 -16.91 -10.74
CA SER A 77 1.93 -17.61 -11.99
C SER A 77 2.21 -16.57 -13.07
N PRO A 78 3.39 -15.93 -13.02
CA PRO A 78 3.59 -14.68 -13.76
C PRO A 78 4.34 -14.79 -15.08
N PHE A 79 4.82 -15.96 -15.49
CA PHE A 79 5.83 -15.99 -16.52
C PHE A 79 5.28 -15.84 -17.93
N GLU A 80 3.95 -15.74 -18.09
CA GLU A 80 3.36 -15.56 -19.40
C GLU A 80 3.29 -14.11 -19.84
N HIS A 81 3.43 -13.16 -18.91
CA HIS A 81 3.21 -11.76 -19.24
C HIS A 81 4.32 -10.88 -18.69
N GLN A 82 4.74 -9.93 -19.53
CA GLN A 82 5.77 -8.96 -19.13
C GLN A 82 5.44 -8.31 -17.80
N THR A 83 4.21 -7.80 -17.64
CA THR A 83 3.89 -7.02 -16.45
C THR A 83 3.87 -7.87 -15.19
N TYR A 84 3.34 -9.10 -15.29
CA TYR A 84 3.33 -10.01 -14.15
C TYR A 84 4.74 -10.29 -13.65
N CYS A 85 5.68 -10.56 -14.55
CA CYS A 85 7.05 -10.82 -14.16
C CYS A 85 7.64 -9.63 -13.42
N GLN A 86 7.43 -8.42 -13.96
CA GLN A 86 7.93 -7.22 -13.30
C GLN A 86 7.41 -7.10 -11.87
N ARG A 87 6.10 -7.27 -11.68
CA ARG A 87 5.53 -7.17 -10.35
C ARG A 87 6.17 -8.18 -9.40
N THR A 88 6.35 -9.41 -9.87
CA THR A 88 6.95 -10.45 -9.02
C THR A 88 8.38 -10.10 -8.66
N LEU A 89 9.19 -9.73 -9.65
CA LEU A 89 10.58 -9.42 -9.36
C LEU A 89 10.71 -8.20 -8.45
N ARG A 90 9.90 -7.16 -8.67
CA ARG A 90 9.99 -5.97 -7.82
C ARG A 90 9.64 -6.29 -6.38
N GLU A 91 8.53 -7.00 -6.15
CA GLU A 91 8.11 -7.28 -4.79
C GLU A 91 9.15 -8.13 -4.06
N ILE A 92 9.68 -9.14 -4.73
CA ILE A 92 10.66 -10.01 -4.07
C ILE A 92 11.96 -9.26 -3.78
N LYS A 93 12.48 -8.48 -4.74
CA LYS A 93 13.75 -7.81 -4.49
C LYS A 93 13.65 -6.82 -3.35
N ILE A 94 12.51 -6.13 -3.24
CA ILE A 94 12.34 -5.11 -2.22
C ILE A 94 12.08 -5.74 -0.87
N LEU A 95 11.11 -6.66 -0.80
CA LEU A 95 10.71 -7.21 0.49
C LEU A 95 11.83 -8.04 1.10
N LEU A 96 12.68 -8.65 0.28
CA LEU A 96 13.81 -9.38 0.84
C LEU A 96 14.82 -8.46 1.49
N ARG A 97 14.81 -7.18 1.12
CA ARG A 97 15.82 -6.27 1.62
C ARG A 97 15.27 -5.32 2.67
N PHE A 98 13.97 -5.28 2.83
CA PHE A 98 13.34 -4.48 3.87
C PHE A 98 13.25 -5.30 5.15
N ARG A 99 13.43 -4.63 6.28
CA ARG A 99 13.20 -5.25 7.59
C ARG A 99 12.59 -4.18 8.47
N HIS A 100 11.28 -4.25 8.67
CA HIS A 100 10.59 -3.24 9.47
C HIS A 100 9.31 -3.83 10.06
N GLU A 101 9.02 -3.45 11.30
CA GLU A 101 7.87 -3.98 12.03
C GLU A 101 6.54 -3.75 11.31
N ASN A 102 6.42 -2.67 10.54
CA ASN A 102 5.17 -2.30 9.87
C ASN A 102 5.19 -2.64 8.38
N ILE A 103 6.07 -3.54 7.96
CA ILE A 103 6.20 -3.97 6.57
C ILE A 103 6.26 -5.48 6.56
N ILE A 104 5.45 -6.11 5.71
CA ILE A 104 5.40 -7.57 5.70
C ILE A 104 6.74 -8.12 5.24
N GLY A 105 7.17 -9.23 5.83
CA GLY A 105 8.40 -9.86 5.41
C GLY A 105 8.18 -11.11 4.58
N ILE A 106 9.21 -11.56 3.85
CA ILE A 106 9.18 -12.85 3.18
C ILE A 106 10.02 -13.84 3.99
N ASN A 107 9.39 -14.91 4.46
CA ASN A 107 10.08 -15.95 5.21
C ASN A 107 10.70 -17.01 4.32
N ASP A 108 10.10 -17.29 3.16
CA ASP A 108 10.51 -18.39 2.29
C ASP A 108 9.93 -18.11 0.91
N ILE A 109 10.56 -18.71 -0.11
CA ILE A 109 10.04 -18.68 -1.47
C ILE A 109 10.22 -20.06 -2.08
N ILE A 110 9.12 -20.66 -2.54
CA ILE A 110 9.14 -21.98 -3.16
C ILE A 110 9.00 -21.84 -4.66
N ARG A 111 9.84 -22.57 -5.39
CA ARG A 111 9.67 -22.69 -6.84
C ARG A 111 10.46 -23.91 -7.28
N ALA A 112 10.19 -24.35 -8.52
CA ALA A 112 10.76 -25.59 -9.01
C ALA A 112 12.28 -25.53 -9.02
N PRO A 113 12.95 -26.69 -8.91
CA PRO A 113 14.43 -26.70 -8.89
C PRO A 113 15.07 -26.38 -10.23
N THR A 114 14.32 -26.42 -11.33
CA THR A 114 14.82 -26.04 -12.63
C THR A 114 13.98 -24.88 -13.19
N ILE A 115 14.60 -24.07 -14.05
CA ILE A 115 13.90 -22.91 -14.58
C ILE A 115 12.84 -23.32 -15.59
N GLU A 116 13.00 -24.48 -16.23
CA GLU A 116 11.98 -24.93 -17.18
C GLU A 116 10.74 -25.42 -16.45
N GLN A 117 10.92 -26.12 -15.33
CA GLN A 117 9.79 -26.53 -14.51
C GLN A 117 9.20 -25.40 -13.69
N MET A 118 9.90 -24.27 -13.54
CA MET A 118 9.38 -23.15 -12.74
C MET A 118 8.26 -22.47 -13.51
N LYS A 119 7.02 -22.67 -13.07
CA LYS A 119 5.87 -21.96 -13.63
C LYS A 119 5.05 -21.23 -12.58
N ASP A 120 5.14 -21.62 -11.32
CA ASP A 120 4.56 -20.86 -10.22
C ASP A 120 5.66 -20.45 -9.25
N VAL A 121 5.40 -19.37 -8.53
CA VAL A 121 6.21 -18.95 -7.39
C VAL A 121 5.28 -18.87 -6.19
N TYR A 122 5.72 -19.43 -5.06
CA TYR A 122 4.99 -19.31 -3.79
C TYR A 122 5.79 -18.46 -2.82
N ILE A 123 5.21 -17.34 -2.40
CA ILE A 123 5.85 -16.40 -1.48
C ILE A 123 5.24 -16.61 -0.10
N VAL A 124 6.09 -16.93 0.89
CA VAL A 124 5.64 -17.26 2.24
C VAL A 124 5.89 -16.08 3.16
N GLN A 125 4.87 -15.67 3.91
CA GLN A 125 4.91 -14.48 4.76
C GLN A 125 4.29 -14.75 6.12
N ASP A 126 4.51 -13.83 7.06
CA ASP A 126 3.82 -13.87 8.34
C ASP A 126 2.32 -13.78 8.11
N LEU A 127 1.56 -14.62 8.81
CA LEU A 127 0.12 -14.66 8.67
C LEU A 127 -0.51 -13.51 9.46
N MET A 128 -1.27 -12.66 8.78
CA MET A 128 -2.08 -11.65 9.46
C MET A 128 -3.55 -12.07 9.43
N GLU A 129 -4.35 -11.40 10.25
CA GLU A 129 -5.73 -11.88 10.44
C GLU A 129 -6.73 -11.27 9.46
N THR A 130 -6.50 -10.05 9.01
CA THR A 130 -7.44 -9.39 8.13
C THR A 130 -6.70 -8.23 7.45
N ASP A 131 -7.44 -7.41 6.70
CA ASP A 131 -6.89 -6.19 6.14
C ASP A 131 -7.88 -5.05 6.36
N LEU A 132 -7.39 -3.81 6.22
CA LEU A 132 -8.23 -2.65 6.50
C LEU A 132 -9.45 -2.57 5.58
N TYR A 133 -9.32 -3.00 4.32
CA TYR A 133 -10.50 -3.08 3.46
C TYR A 133 -11.61 -3.90 4.13
N LYS A 134 -11.27 -5.11 4.57
CA LYS A 134 -12.31 -5.99 5.10
C LYS A 134 -12.82 -5.48 6.45
N LEU A 135 -11.94 -4.87 7.24
CA LEU A 135 -12.37 -4.30 8.51
C LEU A 135 -13.40 -3.19 8.30
N LEU A 136 -13.13 -2.26 7.38
CA LEU A 136 -14.01 -1.12 7.16
C LEU A 136 -15.34 -1.51 6.54
N LYS A 137 -15.44 -2.70 5.97
CA LYS A 137 -16.73 -3.20 5.55
C LYS A 137 -17.56 -3.69 6.73
N THR A 138 -16.95 -3.88 7.90
CA THR A 138 -17.68 -4.51 9.01
C THR A 138 -17.85 -3.64 10.25
N GLN A 139 -16.98 -2.66 10.50
CA GLN A 139 -17.09 -1.97 11.78
C GLN A 139 -16.65 -0.52 11.71
N HIS A 140 -17.22 0.28 12.61
CA HIS A 140 -16.67 1.60 12.90
C HIS A 140 -15.30 1.47 13.53
N LEU A 141 -14.42 2.42 13.22
CA LEU A 141 -13.16 2.59 13.93
C LEU A 141 -13.31 3.75 14.92
N SER A 142 -12.92 3.51 16.16
CA SER A 142 -12.86 4.59 17.14
C SER A 142 -11.71 5.54 16.79
N ASN A 143 -11.75 6.74 17.36
CA ASN A 143 -10.64 7.67 17.14
C ASN A 143 -9.32 7.06 17.58
N ASP A 144 -9.32 6.23 18.63
CA ASP A 144 -8.08 5.58 19.07
C ASP A 144 -7.57 4.59 18.02
N HIS A 145 -8.47 3.83 17.41
CA HIS A 145 -8.07 2.94 16.33
C HIS A 145 -7.47 3.73 15.18
N ILE A 146 -8.16 4.79 14.77
CA ILE A 146 -7.74 5.53 13.59
C ILE A 146 -6.35 6.12 13.81
N CYS A 147 -6.14 6.69 15.01
CA CYS A 147 -4.85 7.25 15.36
C CYS A 147 -3.74 6.21 15.26
N TYR A 148 -3.97 5.03 15.87
CA TYR A 148 -2.94 4.00 15.90
C TYR A 148 -2.66 3.43 14.51
N PHE A 149 -3.71 3.19 13.72
CA PHE A 149 -3.48 2.69 12.36
C PHE A 149 -2.73 3.71 11.52
N LEU A 150 -3.17 4.98 11.57
CA LEU A 150 -2.49 6.02 10.80
C LEU A 150 -1.03 6.12 11.21
N TYR A 151 -0.75 6.10 12.51
CA TYR A 151 0.63 6.15 12.97
C TYR A 151 1.46 5.03 12.34
N GLN A 152 0.93 3.80 12.36
CA GLN A 152 1.71 2.68 11.83
C GLN A 152 1.90 2.76 10.33
N ILE A 153 0.89 3.25 9.61
CA ILE A 153 1.04 3.42 8.16
C ILE A 153 2.19 4.37 7.88
N LEU A 154 2.22 5.50 8.60
CA LEU A 154 3.25 6.51 8.34
C LEU A 154 4.61 6.07 8.85
N ARG A 155 4.66 5.32 9.95
CA ARG A 155 5.93 4.81 10.45
C ARG A 155 6.56 3.82 9.46
N GLY A 156 5.75 2.90 8.92
CA GLY A 156 6.21 2.09 7.81
C GLY A 156 6.61 2.90 6.60
N LEU A 157 5.82 3.93 6.25
CA LEU A 157 6.13 4.70 5.05
C LEU A 157 7.40 5.52 5.25
N LYS A 158 7.65 5.94 6.49
CA LYS A 158 8.91 6.64 6.78
C LYS A 158 10.10 5.76 6.45
N TYR A 159 10.02 4.47 6.74
CA TYR A 159 11.12 3.56 6.40
C TYR A 159 11.24 3.38 4.88
N ILE A 160 10.10 3.11 4.22
CA ILE A 160 10.08 2.94 2.75
C ILE A 160 10.70 4.14 2.05
N HIS A 161 10.21 5.34 2.36
CA HIS A 161 10.74 6.55 1.74
C HIS A 161 12.20 6.81 2.12
N SER A 162 12.63 6.43 3.33
CA SER A 162 14.03 6.57 3.68
C SER A 162 14.92 5.68 2.81
N ALA A 163 14.37 4.60 2.25
CA ALA A 163 15.10 3.76 1.31
C ALA A 163 15.04 4.28 -0.11
N ASN A 164 14.46 5.47 -0.31
CA ASN A 164 14.25 6.05 -1.62
C ASN A 164 13.29 5.23 -2.48
N VAL A 165 12.31 4.60 -1.86
CA VAL A 165 11.32 3.78 -2.59
C VAL A 165 9.96 4.44 -2.49
N LEU A 166 9.21 4.40 -3.60
CA LEU A 166 7.79 4.76 -3.61
C LEU A 166 6.98 3.46 -3.65
N HIS A 167 5.96 3.36 -2.80
CA HIS A 167 5.11 2.16 -2.85
C HIS A 167 4.18 2.21 -4.06
N ARG A 168 3.54 3.36 -4.30
CA ARG A 168 2.74 3.71 -5.46
C ARG A 168 1.35 3.06 -5.49
N ASP A 169 1.03 2.14 -4.57
CA ASP A 169 -0.27 1.49 -4.62
C ASP A 169 -0.83 1.25 -3.23
N LEU A 170 -0.65 2.22 -2.33
CA LEU A 170 -1.23 2.11 -1.00
C LEU A 170 -2.75 2.17 -1.11
N LYS A 171 -3.43 1.28 -0.40
CA LYS A 171 -4.89 1.21 -0.38
C LYS A 171 -5.30 0.32 0.79
N PRO A 172 -6.55 0.38 1.21
CA PRO A 172 -6.94 -0.39 2.41
C PRO A 172 -6.65 -1.87 2.29
N SER A 173 -6.79 -2.46 1.09
CA SER A 173 -6.63 -3.91 0.96
C SER A 173 -5.18 -4.36 1.15
N ASN A 174 -4.18 -3.47 1.08
CA ASN A 174 -2.83 -3.95 1.34
C ASN A 174 -2.27 -3.41 2.64
N LEU A 175 -3.16 -3.09 3.58
CA LEU A 175 -2.79 -2.82 4.97
C LEU A 175 -3.29 -3.99 5.81
N LEU A 176 -2.37 -4.87 6.20
CA LEU A 176 -2.71 -6.08 6.94
C LEU A 176 -2.74 -5.74 8.41
N LEU A 177 -3.63 -6.41 9.15
CA LEU A 177 -3.93 -6.12 10.55
C LEU A 177 -4.09 -7.43 11.32
N ASN A 178 -3.79 -7.38 12.61
CA ASN A 178 -4.16 -8.48 13.50
C ASN A 178 -5.02 -7.93 14.63
N THR A 179 -5.41 -8.84 15.55
CA THR A 179 -6.36 -8.49 16.60
C THR A 179 -5.82 -7.43 17.55
N THR A 180 -4.51 -7.40 17.77
CA THR A 180 -3.92 -6.38 18.62
C THR A 180 -3.63 -5.08 17.88
N CYS A 181 -4.24 -4.90 16.70
CA CYS A 181 -4.16 -3.70 15.89
C CYS A 181 -2.76 -3.40 15.37
N ASP A 182 -1.88 -4.38 15.37
CA ASP A 182 -0.63 -4.22 14.64
C ASP A 182 -0.90 -4.17 13.15
N LEU A 183 -0.16 -3.34 12.43
CA LEU A 183 -0.39 -3.11 11.01
C LEU A 183 0.89 -3.33 10.22
N LYS A 184 0.75 -3.96 9.05
CA LYS A 184 1.87 -4.16 8.15
C LYS A 184 1.46 -3.82 6.72
N ILE A 185 2.30 -3.03 6.05
CA ILE A 185 2.07 -2.69 4.65
C ILE A 185 2.54 -3.87 3.80
N CYS A 186 1.76 -4.23 2.78
CA CYS A 186 2.14 -5.34 1.91
C CYS A 186 1.97 -4.92 0.46
N ASP A 187 2.19 -5.88 -0.45
CA ASP A 187 1.88 -5.75 -1.87
C ASP A 187 2.71 -4.68 -2.56
N PHE A 188 4.01 -4.94 -2.71
CA PHE A 188 4.99 -4.02 -3.29
C PHE A 188 5.23 -4.26 -4.78
N GLY A 189 4.29 -4.87 -5.48
CA GLY A 189 4.47 -5.17 -6.90
C GLY A 189 4.57 -3.95 -7.79
N LEU A 190 4.14 -2.78 -7.32
CA LEU A 190 4.26 -1.55 -8.11
C LEU A 190 5.30 -0.58 -7.58
N ALA A 191 6.06 -0.96 -6.55
CA ALA A 191 7.02 -0.05 -5.97
C ALA A 191 8.17 0.23 -6.94
N ARG A 192 8.72 1.43 -6.85
CA ARG A 192 9.84 1.87 -7.68
C ARG A 192 10.78 2.73 -6.85
N VAL A 193 12.05 2.73 -7.22
CA VAL A 193 13.02 3.64 -6.63
C VAL A 193 12.78 5.03 -7.19
N ALA A 194 12.77 6.04 -6.32
CA ALA A 194 12.46 7.40 -6.73
C ALA A 194 13.56 7.99 -7.60
N LEU A 204 1.91 1.80 -14.80
CA LEU A 204 0.95 2.91 -14.74
C LEU A 204 -0.18 2.67 -15.73
N THR A 205 0.14 1.96 -16.82
CA THR A 205 -0.87 1.52 -17.77
C THR A 205 -1.43 0.14 -17.44
N GLU A 206 -0.72 -0.65 -16.64
CA GLU A 206 -1.15 -1.98 -16.25
C GLU A 206 -2.51 -1.93 -15.56
N TYR A 207 -3.18 -3.08 -15.53
CA TYR A 207 -4.46 -3.18 -14.84
C TYR A 207 -4.27 -3.14 -13.33
N VAL A 208 -5.20 -2.49 -12.64
CA VAL A 208 -5.23 -2.50 -11.18
C VAL A 208 -6.68 -2.59 -10.71
N ALA A 209 -6.86 -3.16 -9.52
CA ALA A 209 -8.21 -3.35 -8.98
C ALA A 209 -8.89 -2.02 -8.67
N THR A 210 -8.12 -1.01 -8.24
CA THR A 210 -8.71 0.27 -7.87
C THR A 210 -7.72 1.42 -8.10
N ARG A 211 -8.24 2.53 -8.64
CA ARG A 211 -7.49 3.75 -8.82
C ARG A 211 -7.93 4.86 -7.88
N TRP A 212 -8.79 4.55 -6.92
CA TRP A 212 -9.40 5.56 -6.04
C TRP A 212 -8.39 6.23 -5.10
N TYR A 213 -7.18 5.71 -4.96
CA TYR A 213 -6.22 6.27 -4.02
C TYR A 213 -5.05 6.96 -4.72
N ARG A 214 -5.14 7.14 -6.05
CA ARG A 214 -4.06 7.75 -6.80
C ARG A 214 -4.14 9.27 -6.75
N ALA A 215 -2.96 9.90 -6.70
CA ALA A 215 -2.86 11.34 -6.60
C ALA A 215 -3.34 12.02 -7.88
N PRO A 216 -3.86 13.25 -7.77
CA PRO A 216 -4.34 13.94 -8.98
C PRO A 216 -3.24 14.18 -10.00
N GLU A 217 -2.00 14.38 -9.57
CA GLU A 217 -0.93 14.62 -10.54
C GLU A 217 -0.67 13.38 -11.40
N ILE A 218 -1.02 12.18 -10.92
CA ILE A 218 -0.99 11.02 -11.80
C ILE A 218 -2.08 11.13 -12.86
N MET A 219 -3.25 11.62 -12.49
CA MET A 219 -4.37 11.67 -13.44
C MET A 219 -4.22 12.78 -14.46
N LEU A 220 -3.49 13.83 -14.11
CA LEU A 220 -3.22 14.95 -14.99
C LEU A 220 -1.97 14.74 -15.80
N ASN A 221 -1.43 13.52 -15.80
CA ASN A 221 -0.26 13.16 -16.61
C ASN A 221 0.91 14.09 -16.35
N SER A 222 1.00 14.63 -15.14
CA SER A 222 2.08 15.55 -14.80
C SER A 222 3.45 14.87 -14.90
N LYS A 223 3.49 13.54 -14.78
CA LYS A 223 4.73 12.77 -14.73
C LYS A 223 5.61 13.29 -13.59
N GLY A 224 6.85 12.81 -13.53
CA GLY A 224 7.73 13.16 -12.44
C GLY A 224 7.05 13.00 -11.09
N TYR A 225 6.63 11.79 -10.76
CA TYR A 225 5.97 11.57 -9.48
C TYR A 225 7.02 11.43 -8.39
N THR A 226 6.68 11.88 -7.19
CA THR A 226 7.56 11.86 -6.05
C THR A 226 6.91 11.04 -4.94
N LYS A 227 7.59 11.04 -3.79
CA LYS A 227 7.05 10.46 -2.56
C LYS A 227 5.69 11.03 -2.21
N SER A 228 5.34 12.21 -2.73
N SER A 228 5.34 12.21 -2.73
CA SER A 228 4.07 12.81 -2.36
CA SER A 228 4.06 12.83 -2.40
C SER A 228 2.87 12.00 -2.85
C SER A 228 2.88 11.99 -2.84
N ILE A 229 3.03 11.14 -3.86
CA ILE A 229 1.86 10.35 -4.28
C ILE A 229 1.48 9.35 -3.18
N ASP A 230 2.45 8.83 -2.42
CA ASP A 230 2.13 7.95 -1.29
C ASP A 230 1.39 8.71 -0.20
N ILE A 231 1.78 9.95 0.06
CA ILE A 231 1.10 10.73 1.10
C ILE A 231 -0.36 10.96 0.72
N TRP A 232 -0.62 11.26 -0.56
CA TRP A 232 -2.00 11.42 -1.02
C TRP A 232 -2.81 10.16 -0.72
N SER A 233 -2.27 8.99 -1.06
CA SER A 233 -2.98 7.74 -0.81
C SER A 233 -3.30 7.57 0.68
N VAL A 234 -2.33 7.88 1.55
CA VAL A 234 -2.58 7.80 2.99
C VAL A 234 -3.71 8.75 3.39
N GLY A 235 -3.71 9.95 2.80
CA GLY A 235 -4.84 10.85 3.00
C GLY A 235 -6.17 10.21 2.63
N CYS A 236 -6.22 9.53 1.47
CA CYS A 236 -7.47 8.88 1.10
C CYS A 236 -7.86 7.81 2.10
N ILE A 237 -6.88 7.07 2.60
CA ILE A 237 -7.15 6.00 3.55
C ILE A 237 -7.63 6.56 4.89
N LEU A 238 -7.02 7.65 5.36
CA LEU A 238 -7.49 8.32 6.58
C LEU A 238 -8.95 8.74 6.42
N ALA A 239 -9.30 9.37 5.30
CA ALA A 239 -10.68 9.78 5.09
C ALA A 239 -11.62 8.57 5.13
N GLU A 240 -11.19 7.44 4.58
CA GLU A 240 -12.04 6.27 4.56
C GLU A 240 -12.18 5.65 5.95
N MET A 241 -11.14 5.74 6.80
CA MET A 241 -11.27 5.30 8.19
C MET A 241 -12.26 6.17 8.98
N LEU A 242 -12.38 7.44 8.62
CA LEU A 242 -13.27 8.34 9.36
C LEU A 242 -14.73 8.11 9.01
N SER A 243 -15.03 7.61 7.80
CA SER A 243 -16.42 7.52 7.34
C SER A 243 -16.86 6.15 6.84
N ASN A 244 -15.96 5.16 6.74
CA ASN A 244 -16.25 3.85 6.14
C ASN A 244 -16.71 3.96 4.70
N ARG A 245 -16.31 5.02 4.00
CA ARG A 245 -16.64 5.22 2.59
C ARG A 245 -15.42 5.78 1.87
N PRO A 246 -15.13 5.30 0.65
CA PRO A 246 -14.05 5.93 -0.13
C PRO A 246 -14.38 7.39 -0.44
N ILE A 247 -13.39 8.25 -0.30
CA ILE A 247 -13.68 9.67 -0.43
C ILE A 247 -13.73 10.11 -1.89
N PHE A 248 -12.87 9.54 -2.75
CA PHE A 248 -12.80 9.92 -4.17
C PHE A 248 -13.05 8.75 -5.10
N PRO A 249 -14.19 8.12 -5.02
CA PRO A 249 -14.47 7.06 -5.98
C PRO A 249 -14.67 7.65 -7.37
N GLY A 250 -14.87 6.82 -8.37
CA GLY A 250 -14.99 7.34 -9.70
C GLY A 250 -14.86 6.19 -10.68
N LYS A 251 -15.44 6.32 -11.86
CA LYS A 251 -15.36 5.27 -12.86
C LYS A 251 -14.17 5.45 -13.80
N HIS A 252 -13.48 6.58 -13.74
CA HIS A 252 -12.25 6.80 -14.49
C HIS A 252 -11.64 8.09 -13.97
N TYR A 253 -10.44 8.42 -14.48
CA TYR A 253 -9.71 9.57 -13.94
C TYR A 253 -10.50 10.85 -14.08
N LEU A 254 -11.20 11.03 -15.21
CA LEU A 254 -12.01 12.23 -15.38
C LEU A 254 -13.08 12.30 -14.31
N ASP A 255 -13.76 11.19 -14.04
CA ASP A 255 -14.73 11.16 -12.96
C ASP A 255 -14.05 11.31 -11.59
N GLN A 256 -12.92 10.66 -11.39
CA GLN A 256 -12.22 10.79 -10.10
C GLN A 256 -11.79 12.22 -9.85
N LEU A 257 -11.27 12.91 -10.88
N LEU A 257 -11.27 12.90 -10.88
CA LEU A 257 -10.86 14.30 -10.72
CA LEU A 257 -10.86 14.29 -10.74
C LEU A 257 -12.05 15.19 -10.36
C LEU A 257 -12.05 15.18 -10.37
N ASN A 258 -13.22 14.91 -10.94
CA ASN A 258 -14.41 15.67 -10.56
C ASN A 258 -14.77 15.44 -9.09
N HIS A 259 -14.60 14.22 -8.59
CA HIS A 259 -14.82 13.98 -7.17
C HIS A 259 -13.83 14.75 -6.33
N ILE A 260 -12.55 14.72 -6.71
CA ILE A 260 -11.52 15.45 -5.95
C ILE A 260 -11.81 16.94 -5.95
N LEU A 261 -12.10 17.49 -7.14
CA LEU A 261 -12.34 18.92 -7.24
C LEU A 261 -13.67 19.32 -6.59
N GLY A 262 -14.63 18.39 -6.52
CA GLY A 262 -15.88 18.69 -5.86
C GLY A 262 -15.76 18.85 -4.36
N ILE A 263 -14.65 18.37 -3.79
CA ILE A 263 -14.39 18.51 -2.36
C ILE A 263 -13.32 19.57 -2.11
N LEU A 264 -12.18 19.46 -2.80
CA LEU A 264 -11.11 20.44 -2.60
C LEU A 264 -11.46 21.81 -3.20
N GLY A 265 -12.39 21.86 -4.14
CA GLY A 265 -12.66 23.06 -4.91
C GLY A 265 -11.76 23.16 -6.13
N SER A 266 -12.07 24.14 -6.99
CA SER A 266 -11.25 24.35 -8.17
C SER A 266 -9.84 24.75 -7.75
N PRO A 267 -8.80 24.33 -8.47
CA PRO A 267 -7.45 24.72 -8.08
C PRO A 267 -7.23 26.22 -8.21
N SER A 268 -6.41 26.75 -7.31
CA SER A 268 -5.98 28.14 -7.37
C SER A 268 -5.12 28.38 -8.61
N GLN A 269 -4.87 29.67 -8.88
CA GLN A 269 -3.92 30.03 -9.93
C GLN A 269 -2.58 29.37 -9.71
N GLU A 270 -2.07 29.42 -8.47
CA GLU A 270 -0.78 28.80 -8.18
C GLU A 270 -0.82 27.30 -8.39
N ASP A 271 -1.94 26.64 -8.05
CA ASP A 271 -2.06 25.21 -8.30
C ASP A 271 -2.03 24.91 -9.79
N LEU A 272 -2.67 25.75 -10.62
CA LEU A 272 -2.67 25.49 -12.06
C LEU A 272 -1.26 25.55 -12.65
N ASN A 273 -0.35 26.30 -12.02
CA ASN A 273 1.01 26.38 -12.53
C ASN A 273 1.79 25.09 -12.28
N CYS A 274 1.41 24.31 -11.27
CA CYS A 274 2.06 23.01 -11.06
C CYS A 274 1.60 21.96 -12.06
N ILE A 275 0.63 22.26 -12.91
CA ILE A 275 0.20 21.36 -13.96
C ILE A 275 0.83 21.88 -15.24
N ILE A 276 1.95 21.27 -15.63
CA ILE A 276 2.68 21.75 -16.80
C ILE A 276 2.16 21.16 -18.11
N ASN A 277 1.57 19.98 -18.08
CA ASN A 277 1.04 19.37 -19.30
C ASN A 277 0.05 20.30 -19.98
N LEU A 278 0.29 20.61 -21.26
CA LEU A 278 -0.55 21.57 -21.98
C LEU A 278 -2.02 21.18 -21.94
N LYS A 279 -2.32 19.93 -22.29
CA LYS A 279 -3.71 19.52 -22.39
C LYS A 279 -4.36 19.39 -21.01
N ALA A 280 -3.60 18.90 -20.04
CA ALA A 280 -4.16 18.80 -18.70
C ALA A 280 -4.51 20.16 -18.14
N ARG A 281 -3.66 21.17 -18.37
CA ARG A 281 -3.96 22.48 -17.80
C ARG A 281 -5.17 23.10 -18.48
N ASN A 282 -5.24 22.95 -19.81
CA ASN A 282 -6.40 23.45 -20.54
C ASN A 282 -7.66 22.74 -20.09
N TYR A 283 -7.58 21.43 -19.87
CA TYR A 283 -8.74 20.69 -19.39
C TYR A 283 -9.24 21.26 -18.07
N LEU A 284 -8.34 21.41 -17.10
CA LEU A 284 -8.74 21.97 -15.80
C LEU A 284 -9.42 23.32 -15.99
N LEU A 285 -8.87 24.17 -16.87
CA LEU A 285 -9.45 25.48 -17.10
C LEU A 285 -10.83 25.41 -17.74
N SER A 286 -11.14 24.30 -18.43
CA SER A 286 -12.42 24.15 -19.10
C SER A 286 -13.54 23.76 -18.13
N LEU A 287 -13.19 23.34 -16.91
CA LEU A 287 -14.17 22.84 -15.97
C LEU A 287 -14.89 23.97 -15.26
N PRO A 288 -16.13 23.76 -14.85
CA PRO A 288 -16.85 24.81 -14.10
C PRO A 288 -16.28 24.97 -12.71
N HIS A 289 -16.40 26.19 -12.18
CA HIS A 289 -15.85 26.47 -10.87
C HIS A 289 -16.56 25.65 -9.81
N LYS A 290 -15.81 25.14 -8.84
CA LYS A 290 -16.36 24.37 -7.74
C LYS A 290 -15.83 24.90 -6.42
N ASN A 291 -16.72 25.08 -5.46
CA ASN A 291 -16.32 25.59 -4.16
C ASN A 291 -15.72 24.48 -3.31
N LYS A 292 -14.82 24.88 -2.41
CA LYS A 292 -14.25 23.94 -1.46
C LYS A 292 -15.28 23.57 -0.41
N VAL A 293 -15.32 22.29 -0.03
CA VAL A 293 -16.19 21.79 1.02
C VAL A 293 -15.39 21.68 2.29
N PRO A 294 -15.77 22.34 3.39
CA PRO A 294 -15.02 22.21 4.64
C PRO A 294 -14.96 20.77 5.09
N TRP A 295 -13.80 20.36 5.60
CA TRP A 295 -13.65 18.98 6.07
C TRP A 295 -14.64 18.65 7.17
N ASN A 296 -14.94 19.60 8.06
CA ASN A 296 -15.86 19.30 9.16
C ASN A 296 -17.31 19.18 8.70
N ARG A 297 -17.64 19.56 7.47
CA ARG A 297 -18.97 19.26 6.93
C ARG A 297 -19.04 17.84 6.40
N LEU A 298 -17.95 17.36 5.81
CA LEU A 298 -17.89 15.99 5.32
C LEU A 298 -17.72 15.00 6.46
N PHE A 299 -17.02 15.41 7.51
CA PHE A 299 -16.69 14.55 8.65
C PHE A 299 -17.04 15.27 9.93
N PRO A 300 -18.33 15.48 10.21
CA PRO A 300 -18.72 16.26 11.39
C PRO A 300 -18.42 15.60 12.72
N ASN A 301 -18.06 14.33 12.75
CA ASN A 301 -17.78 13.67 14.02
C ASN A 301 -16.31 13.38 14.23
N ALA A 302 -15.45 13.78 13.29
CA ALA A 302 -14.04 13.48 13.37
C ALA A 302 -13.30 14.44 14.31
N ASP A 303 -12.20 13.94 14.85
CA ASP A 303 -11.27 14.74 15.66
C ASP A 303 -10.75 15.91 14.83
N SER A 304 -10.92 17.14 15.35
CA SER A 304 -10.48 18.28 14.55
C SER A 304 -8.99 18.21 14.23
N LYS A 305 -8.18 17.56 15.08
CA LYS A 305 -6.76 17.39 14.75
C LYS A 305 -6.59 16.42 13.58
N ALA A 306 -7.40 15.36 13.53
CA ALA A 306 -7.33 14.45 12.38
C ALA A 306 -7.67 15.18 11.07
N LEU A 307 -8.62 16.10 11.12
CA LEU A 307 -9.01 16.82 9.91
C LEU A 307 -7.92 17.80 9.47
N ASP A 308 -7.21 18.40 10.42
CA ASP A 308 -6.10 19.27 10.04
C ASP A 308 -5.03 18.48 9.30
N LEU A 309 -4.66 17.30 9.83
CA LEU A 309 -3.67 16.48 9.14
C LEU A 309 -4.20 15.97 7.82
N LEU A 310 -5.49 15.63 7.76
CA LEU A 310 -6.07 15.20 6.50
C LEU A 310 -5.95 16.29 5.45
N ASP A 311 -6.24 17.54 5.84
CA ASP A 311 -6.13 18.66 4.93
C ASP A 311 -4.73 18.77 4.33
N LYS A 312 -3.70 18.48 5.12
CA LYS A 312 -2.33 18.64 4.63
C LYS A 312 -1.90 17.48 3.74
N MET A 313 -2.50 16.30 3.92
CA MET A 313 -2.18 15.18 3.04
C MET A 313 -2.94 15.27 1.72
N LEU A 314 -4.18 15.77 1.76
CA LEU A 314 -4.98 15.90 0.56
C LEU A 314 -4.87 17.32 -0.02
N THR A 315 -3.62 17.71 -0.24
CA THR A 315 -3.30 18.99 -0.86
C THR A 315 -3.08 18.74 -2.34
N PHE A 316 -3.81 19.49 -3.18
CA PHE A 316 -3.73 19.29 -4.62
C PHE A 316 -2.29 19.46 -5.12
N ASN A 317 -1.63 20.55 -4.73
CA ASN A 317 -0.26 20.81 -5.13
C ASN A 317 0.68 19.80 -4.47
N PRO A 318 1.32 18.90 -5.23
CA PRO A 318 2.20 17.90 -4.59
C PRO A 318 3.42 18.50 -3.89
N HIS A 319 3.88 19.69 -4.29
CA HIS A 319 5.04 20.29 -3.65
C HIS A 319 4.71 20.84 -2.27
N LYS A 320 3.46 21.20 -2.02
CA LYS A 320 3.04 21.69 -0.72
C LYS A 320 2.40 20.61 0.14
N ARG A 321 2.19 19.42 -0.41
CA ARG A 321 1.67 18.30 0.37
C ARG A 321 2.66 17.95 1.49
N ILE A 322 2.12 17.58 2.67
CA ILE A 322 2.95 17.28 3.82
C ILE A 322 3.81 16.06 3.55
N GLU A 323 5.04 16.06 4.08
CA GLU A 323 5.96 14.95 3.93
C GLU A 323 5.82 14.00 5.11
N VAL A 324 6.35 12.78 4.98
CA VAL A 324 6.06 11.76 5.97
C VAL A 324 6.59 12.15 7.35
N GLU A 325 7.76 12.78 7.42
CA GLU A 325 8.28 13.09 8.75
C GLU A 325 7.44 14.16 9.42
N GLN A 326 7.07 15.20 8.68
CA GLN A 326 6.18 16.23 9.21
C GLN A 326 4.80 15.66 9.55
N ALA A 327 4.34 14.65 8.82
CA ALA A 327 3.06 14.05 9.17
C ALA A 327 3.14 13.32 10.50
N LEU A 328 4.21 12.54 10.71
CA LEU A 328 4.38 11.86 11.98
C LEU A 328 4.44 12.83 13.15
N ALA A 329 4.96 14.04 12.94
CA ALA A 329 5.10 15.03 14.01
C ALA A 329 3.83 15.86 14.22
N HIS A 330 2.79 15.61 13.43
CA HIS A 330 1.56 16.38 13.57
C HIS A 330 0.90 16.14 14.92
N PRO A 331 0.29 17.17 15.50
CA PRO A 331 -0.37 17.02 16.82
C PRO A 331 -1.31 15.82 16.95
N TYR A 332 -1.97 15.40 15.88
CA TYR A 332 -2.91 14.28 16.01
C TYR A 332 -2.22 13.00 16.45
N LEU A 333 -0.96 12.80 16.07
CA LEU A 333 -0.20 11.59 16.35
C LEU A 333 0.78 11.78 17.51
N GLU A 334 0.53 12.80 18.35
CA GLU A 334 1.47 13.16 19.39
C GLU A 334 1.70 12.02 20.38
N GLN A 335 0.70 11.18 20.65
CA GLN A 335 0.94 10.16 21.65
C GLN A 335 1.81 9.02 21.12
N TYR A 336 2.08 8.97 19.82
CA TYR A 336 2.90 7.93 19.22
C TYR A 336 4.22 8.43 18.62
N TYR A 337 4.31 9.70 18.21
CA TYR A 337 5.53 10.14 17.55
C TYR A 337 6.71 9.95 18.49
N ASP A 338 7.66 9.13 18.07
CA ASP A 338 8.81 8.76 18.91
C ASP A 338 9.95 8.48 17.98
N PRO A 339 10.70 9.51 17.57
CA PRO A 339 11.80 9.34 16.60
C PRO A 339 12.89 8.40 17.08
N SER A 340 13.00 8.08 18.37
CA SER A 340 13.97 7.08 18.77
C SER A 340 13.49 5.66 18.49
N ASP A 341 12.22 5.48 18.13
CA ASP A 341 11.62 4.17 17.86
C ASP A 341 10.95 4.14 16.50
N GLU A 342 11.58 4.76 15.51
CA GLU A 342 11.04 4.82 14.14
C GLU A 342 12.20 4.63 13.17
N PRO A 343 12.56 3.39 12.89
CA PRO A 343 13.82 3.12 12.17
C PRO A 343 13.72 3.56 10.72
N ILE A 344 14.89 3.81 10.14
CA ILE A 344 15.00 4.15 8.74
C ILE A 344 15.93 3.14 8.09
N ALA A 345 15.92 3.13 6.76
CA ALA A 345 16.81 2.26 6.02
C ALA A 345 18.25 2.70 6.24
N GLU A 346 19.11 1.72 6.50
CA GLU A 346 20.52 2.01 6.66
C GLU A 346 21.10 2.63 5.40
N ALA A 347 20.57 2.28 4.23
CA ALA A 347 21.05 2.88 2.99
C ALA A 347 19.94 2.92 1.95
N PRO A 348 19.82 4.02 1.20
CA PRO A 348 18.79 4.09 0.16
C PRO A 348 19.17 3.28 -1.07
N PHE A 349 18.17 2.63 -1.67
CA PHE A 349 18.35 2.00 -2.97
C PHE A 349 18.79 3.03 -4.00
N LYS A 350 19.52 2.56 -5.02
CA LYS A 350 20.03 3.44 -6.08
C LYS A 350 19.71 2.89 -7.47
N LEU A 355 14.78 -2.39 -15.94
CA LEU A 355 13.99 -3.61 -15.91
C LEU A 355 12.81 -3.55 -16.89
N ASP A 356 12.28 -2.34 -17.11
CA ASP A 356 11.11 -2.17 -17.95
C ASP A 356 11.37 -2.51 -19.41
N ASP A 357 12.63 -2.58 -19.83
CA ASP A 357 12.96 -2.94 -21.20
C ASP A 357 13.41 -4.40 -21.33
N LEU A 358 13.22 -5.20 -20.28
CA LEU A 358 13.69 -6.56 -20.36
C LEU A 358 12.57 -7.50 -20.80
N PRO A 359 12.87 -8.48 -21.65
CA PRO A 359 11.85 -9.47 -22.03
C PRO A 359 11.50 -10.36 -20.84
N LYS A 360 10.40 -11.10 -21.01
CA LYS A 360 9.90 -11.95 -19.93
C LYS A 360 10.85 -13.11 -19.64
N GLU A 361 11.60 -13.57 -20.65
CA GLU A 361 12.55 -14.64 -20.40
C GLU A 361 13.71 -14.15 -19.53
N LYS A 362 14.21 -12.93 -19.79
CA LYS A 362 15.26 -12.39 -18.94
C LYS A 362 14.75 -12.12 -17.53
N LEU A 363 13.52 -11.61 -17.40
CA LEU A 363 12.96 -11.39 -16.07
C LEU A 363 12.78 -12.72 -15.33
N LYS A 364 12.39 -13.78 -16.04
CA LYS A 364 12.29 -15.08 -15.42
C LYS A 364 13.64 -15.57 -14.90
N GLU A 365 14.71 -15.26 -15.63
CA GLU A 365 16.06 -15.57 -15.14
C GLU A 365 16.33 -14.84 -13.84
N LEU A 366 16.09 -13.52 -13.82
CA LEU A 366 16.37 -12.74 -12.62
C LEU A 366 15.52 -13.22 -11.46
N ILE A 367 14.26 -13.59 -11.72
CA ILE A 367 13.42 -14.14 -10.67
C ILE A 367 13.99 -15.44 -10.15
N PHE A 368 14.43 -16.32 -11.06
CA PHE A 368 15.09 -17.55 -10.64
C PHE A 368 16.30 -17.26 -9.76
N GLU A 369 17.06 -16.21 -10.10
CA GLU A 369 18.29 -15.90 -9.37
C GLU A 369 18.00 -15.36 -7.97
N GLU A 370 17.07 -14.40 -7.84
CA GLU A 370 16.77 -13.81 -6.54
C GLU A 370 16.16 -14.82 -5.58
N THR A 371 15.58 -15.89 -6.09
CA THR A 371 14.92 -16.91 -5.27
C THR A 371 15.82 -18.11 -4.98
N ALA A 372 17.04 -18.12 -5.51
CA ALA A 372 17.90 -19.29 -5.36
C ALA A 372 18.28 -19.53 -3.90
N ARG A 373 18.33 -18.48 -3.09
CA ARG A 373 18.83 -18.62 -1.74
C ARG A 373 17.94 -19.51 -0.87
N PHE A 374 16.67 -19.67 -1.25
CA PHE A 374 15.74 -20.51 -0.49
C PHE A 374 15.72 -21.96 -0.96
N GLN A 375 16.63 -22.35 -1.85
CA GLN A 375 16.60 -23.74 -2.29
C GLN A 375 17.47 -24.60 -1.39
N PRO A 376 17.03 -25.84 -1.08
CA PRO A 376 17.84 -26.81 -0.34
C PRO A 376 18.97 -27.38 -1.20
N ILE B 2 3.91 -2.23 18.67
CA ILE B 2 4.36 -0.95 19.18
C ILE B 2 3.81 -0.62 20.56
N ARG B 3 2.48 -0.71 20.71
CA ARG B 3 1.88 -0.39 21.99
C ARG B 3 2.42 -1.30 23.08
N ALA B 4 2.55 -2.60 22.80
CA ALA B 4 3.03 -3.54 23.81
C ALA B 4 4.48 -3.23 24.20
N ARG B 5 5.33 -2.92 23.22
CA ARG B 5 6.73 -2.63 23.53
C ARG B 5 6.85 -1.36 24.37
N ARG B 6 6.04 -0.34 24.07
CA ARG B 6 6.11 0.91 24.80
C ARG B 6 5.33 0.90 26.12
N GLY B 7 4.73 -0.23 26.48
CA GLY B 7 4.08 -0.32 27.79
C GLY B 7 2.69 0.28 27.86
N LEU B 8 2.03 0.48 26.72
CA LEU B 8 0.68 1.02 26.63
C LEU B 8 -0.36 -0.10 26.73
N PRO B 9 -1.56 0.19 27.22
CA PRO B 9 -2.57 -0.87 27.36
C PRO B 9 -2.96 -1.45 26.01
N ARG B 10 -3.37 -2.71 26.04
CA ARG B 10 -3.72 -3.43 24.82
C ARG B 10 -4.88 -2.73 24.12
N LEU B 11 -4.75 -2.52 22.82
CA LEU B 11 -5.80 -1.96 21.99
C LEU B 11 -6.31 -3.06 21.06
N ALA B 12 -7.55 -3.50 21.28
CA ALA B 12 -8.13 -4.58 20.49
C ALA B 12 -8.98 -4.01 19.36
N VAL B 13 -9.02 -4.75 18.25
CA VAL B 13 -9.83 -4.33 17.10
C VAL B 13 -11.30 -4.22 17.51
N SER B 14 -11.76 -5.10 18.38
CA SER B 14 -13.16 -5.23 18.77
C SER B 14 -13.60 -4.20 19.81
N ASP B 15 -12.85 -3.11 19.98
CA ASP B 15 -13.21 -2.11 20.99
C ASP B 15 -12.75 -0.72 20.55
#